data_1CLY
#
_entry.id   1CLY
#
_cell.length_a   81.700
_cell.length_b   81.700
_cell.length_c   166.300
_cell.angle_alpha   90.00
_cell.angle_beta   90.00
_cell.angle_gamma   90.00
#
_symmetry.space_group_name_H-M   'P 43 21 2'
#
loop_
_entity.id
_entity.type
_entity.pdbx_description
1 polymer 'IGG FAB (HUMAN IGG1, KAPPA)'
2 polymer 'IGG FAB (HUMAN IGG1, KAPPA)'
3 branched alpha-L-fucopyranose-(1-2)-beta-D-galactopyranose-(1-4)-[alpha-L-fucopyranose-(1-3)]2-acetamido-2-deoxy-beta-D-glucopyranose
4 non-polymer 'METHYL NONANOATE (ESTER)'
#
loop_
_entity_poly.entity_id
_entity_poly.type
_entity_poly.pdbx_seq_one_letter_code
_entity_poly.pdbx_strand_id
1 'polypeptide(L)'
;DVLMTQIPVSLPVSLGDQASISCRSSQIIVHNNGNTYLEWYLQKPGQSPQLLIYKVSNRFSGVPDRFSGSGSGTDFTLKI
SRVEAEDLGVYYCFQGSHVPFTFGSGTKLEIKRTVAAPSVFIFPPSDEQLKSGTASVVCLLNNFYPREAKVQWKVDNALQ
SGNSQESVTEQDSKDSTYSLSSTLTLSKADYEKHKVYACEVTHQGLSSPVTKSFNRGEC
;
L
2 'polypeptide(L)'
;EVNLVESGGGLVQPGGSLKVSCVTSGFTFSDYYMYWVRQTPEKRLEWVAYISQGGDITDYPDTVKGRFTISRDNAKNSLY
LQMSRLKSEDTAMYYCARGLDDGAWFAYWGQGTLVTVSVASTKGPSVFPLAPSSKSTSGGTAALGCLVKDYFPQPVTVSW
NSGALTSGVHTFPAVLQSSGLYSLSSVVTVPSSSLGTQTYICNVNHKPSNTKVDKRVEP
;
H
#
# COMPACT_ATOMS: atom_id res chain seq x y z
N LEU A 3 8.87 -1.10 25.29
CA LEU A 3 8.07 -1.39 24.11
C LEU A 3 6.84 -0.49 24.08
N MET A 4 5.83 -0.82 23.25
CA MET A 4 4.62 -0.01 23.12
C MET A 4 3.31 -0.75 22.84
N THR A 5 2.20 -0.17 23.32
CA THR A 5 0.84 -0.66 23.15
C THR A 5 0.00 0.54 22.67
N GLN A 6 -0.71 0.36 21.55
CA GLN A 6 -1.51 1.43 20.98
C GLN A 6 -2.95 1.02 20.94
N ILE A 7 -3.80 1.85 21.48
CA ILE A 7 -5.22 1.57 21.51
C ILE A 7 -5.88 2.89 21.17
N PRO A 8 -6.93 2.88 20.35
CA PRO A 8 -7.62 1.77 19.68
C PRO A 8 -6.97 1.31 18.37
N VAL A 9 -7.42 0.16 17.89
CA VAL A 9 -6.93 -0.39 16.63
C VAL A 9 -7.57 0.37 15.44
N SER A 10 -8.89 0.51 15.46
CA SER A 10 -9.63 1.21 14.42
C SER A 10 -10.27 2.43 15.05
N LEU A 11 -10.45 3.48 14.28
CA LEU A 11 -11.05 4.71 14.79
C LEU A 11 -11.92 5.42 13.78
N PRO A 12 -13.22 5.12 13.77
CA PRO A 12 -14.20 5.74 12.85
C PRO A 12 -14.45 7.13 13.39
N VAL A 13 -14.25 8.15 12.58
CA VAL A 13 -14.45 9.50 13.05
C VAL A 13 -15.12 10.33 11.96
N SER A 14 -15.96 11.29 12.33
CA SER A 14 -16.64 12.12 11.36
C SER A 14 -15.80 13.37 11.14
N LEU A 15 -15.93 13.97 9.97
CA LEU A 15 -15.16 15.18 9.71
C LEU A 15 -15.56 16.22 10.72
N GLY A 16 -14.59 16.96 11.24
CA GLY A 16 -14.89 17.98 12.23
C GLY A 16 -14.74 17.42 13.64
N ASP A 17 -14.93 16.11 13.80
CA ASP A 17 -14.80 15.44 15.09
C ASP A 17 -13.39 15.56 15.66
N GLN A 18 -13.25 15.17 16.91
CA GLN A 18 -11.97 15.17 17.57
C GLN A 18 -11.64 13.71 17.72
N ALA A 19 -10.36 13.38 17.75
CA ALA A 19 -9.95 12.00 17.90
C ALA A 19 -8.78 11.98 18.86
N SER A 20 -8.58 10.85 19.54
CA SER A 20 -7.48 10.69 20.49
C SER A 20 -6.94 9.28 20.34
N ILE A 21 -5.62 9.17 20.14
CA ILE A 21 -4.96 7.87 20.02
C ILE A 21 -3.90 7.87 21.11
N SER A 22 -3.83 6.79 21.88
CA SER A 22 -2.88 6.73 22.99
C SER A 22 -1.91 5.57 22.96
N CYS A 23 -0.80 5.74 23.64
CA CYS A 23 0.17 4.68 23.72
C CYS A 23 0.70 4.56 25.13
N ARG A 24 1.06 3.33 25.49
CA ARG A 24 1.62 3.07 26.80
C ARG A 24 2.90 2.29 26.63
N SER A 25 4.04 2.86 27.00
CA SER A 25 5.29 2.14 26.86
C SER A 25 5.40 1.20 28.04
N SER A 26 6.06 0.07 27.81
CA SER A 26 6.27 -0.94 28.83
C SER A 26 6.88 -0.38 30.10
N GLN A 27 7.86 0.51 29.93
CA GLN A 27 8.53 1.14 31.07
C GLN A 27 8.48 2.64 30.87
N ILE A 28 8.58 3.37 31.97
CA ILE A 28 8.57 4.82 31.91
C ILE A 28 9.64 5.21 30.89
N ILE A 29 9.22 5.94 29.86
CA ILE A 29 10.15 6.34 28.82
C ILE A 29 10.75 7.72 28.97
N VAL A 30 12.06 7.73 29.22
CA VAL A 30 12.82 8.95 29.40
C VAL A 30 14.28 8.59 29.16
N HIS A 31 14.98 9.47 28.44
CA HIS A 31 16.39 9.27 28.09
C HIS A 31 17.32 9.78 29.21
N ASN A 32 18.17 10.72 28.82
CA ASN A 32 19.14 11.39 29.68
C ASN A 32 18.34 12.55 30.30
N ASN A 33 17.10 12.28 30.66
CA ASN A 33 16.16 13.30 31.19
C ASN A 33 16.06 14.35 30.07
N GLY A 34 16.68 14.06 28.92
CA GLY A 34 16.71 14.95 27.78
C GLY A 34 15.39 14.86 27.08
N ASN A 35 14.36 14.92 27.91
CA ASN A 35 12.99 14.83 27.52
C ASN A 35 12.70 13.39 27.16
N THR A 36 11.42 13.12 27.07
CA THR A 36 10.96 11.81 26.71
C THR A 36 10.98 11.90 25.21
N TYR A 37 11.57 10.92 24.56
CA TYR A 37 11.61 10.93 23.12
C TYR A 37 10.49 10.05 22.58
N LEU A 38 9.26 10.57 22.62
CA LEU A 38 8.10 9.86 22.10
C LEU A 38 7.60 10.65 20.89
N GLU A 39 7.40 9.95 19.77
CA GLU A 39 6.99 10.57 18.50
C GLU A 39 5.74 9.96 17.89
N TRP A 40 5.11 10.71 16.99
CA TRP A 40 3.88 10.25 16.31
C TRP A 40 4.02 10.34 14.80
N TYR A 41 3.72 9.25 14.10
CA TYR A 41 3.82 9.21 12.65
C TYR A 41 2.48 8.97 12.00
N LEU A 42 2.32 9.53 10.81
CA LEU A 42 1.10 9.33 10.03
C LEU A 42 1.55 8.67 8.73
N GLN A 43 1.02 7.50 8.41
CA GLN A 43 1.36 6.87 7.15
C GLN A 43 0.13 6.97 6.30
N LYS A 44 0.08 7.99 5.46
CA LYS A 44 -1.06 8.17 4.58
C LYS A 44 -1.03 6.96 3.67
N PRO A 45 -2.18 6.54 3.17
CA PRO A 45 -2.17 5.36 2.29
C PRO A 45 -1.31 5.51 1.03
N GLY A 46 -0.50 4.47 0.77
CA GLY A 46 0.37 4.47 -0.40
C GLY A 46 1.56 5.40 -0.34
N GLN A 47 2.04 5.65 0.87
CA GLN A 47 3.17 6.52 1.06
C GLN A 47 3.94 6.07 2.26
N SER A 48 5.10 6.69 2.42
CA SER A 48 5.99 6.41 3.51
C SER A 48 5.41 7.16 4.70
N PRO A 49 5.79 6.78 5.91
CA PRO A 49 5.26 7.47 7.09
C PRO A 49 5.85 8.88 7.15
N GLN A 50 5.23 9.76 7.93
CA GLN A 50 5.73 11.10 8.09
C GLN A 50 5.60 11.51 9.55
N LEU A 51 6.46 12.43 9.95
CA LEU A 51 6.50 12.91 11.31
C LEU A 51 5.45 13.98 11.57
N LEU A 52 4.85 13.92 12.76
CA LEU A 52 3.85 14.90 13.18
C LEU A 52 4.34 15.61 14.43
N ILE A 53 4.56 14.86 15.50
CA ILE A 53 5.01 15.38 16.78
C ILE A 53 6.22 14.58 17.29
N TYR A 54 7.17 15.26 17.90
CA TYR A 54 8.35 14.59 18.45
C TYR A 54 8.62 15.17 19.82
N LYS A 55 9.37 14.43 20.64
CA LYS A 55 9.64 14.87 22.00
C LYS A 55 8.31 15.15 22.72
N VAL A 56 7.39 14.18 22.63
CA VAL A 56 6.07 14.21 23.23
C VAL A 56 5.06 15.22 22.66
N SER A 57 5.47 16.47 22.50
CA SER A 57 4.53 17.48 22.01
C SER A 57 5.01 18.52 20.98
N ASN A 58 6.27 18.44 20.53
CA ASN A 58 6.76 19.40 19.54
C ASN A 58 6.23 19.07 18.15
N ARG A 59 5.53 20.02 17.52
CA ARG A 59 5.01 19.80 16.18
C ARG A 59 6.16 19.99 15.19
N PHE A 60 6.33 19.01 14.32
CA PHE A 60 7.37 19.05 13.33
C PHE A 60 6.98 20.11 12.32
N SER A 61 7.98 20.67 11.63
CA SER A 61 7.70 21.71 10.66
C SER A 61 6.72 21.32 9.55
N GLY A 62 5.67 22.11 9.42
CA GLY A 62 4.67 21.85 8.40
C GLY A 62 3.39 21.18 8.89
N VAL A 63 3.39 20.64 10.12
CA VAL A 63 2.21 19.98 10.65
C VAL A 63 1.25 21.05 11.17
N PRO A 64 -0.03 20.97 10.78
CA PRO A 64 -1.02 21.94 11.22
C PRO A 64 -1.33 21.75 12.68
N ASP A 65 -1.66 22.84 13.37
CA ASP A 65 -1.94 22.77 14.80
C ASP A 65 -3.13 21.97 15.27
N ARG A 66 -3.85 21.31 14.36
CA ARG A 66 -4.99 20.50 14.78
C ARG A 66 -4.47 19.25 15.49
N PHE A 67 -3.17 19.01 15.34
CA PHE A 67 -2.49 17.90 15.98
C PHE A 67 -1.73 18.39 17.19
N SER A 68 -1.88 17.67 18.30
CA SER A 68 -1.17 18.02 19.51
C SER A 68 -0.82 16.74 20.25
N GLY A 69 0.26 16.76 21.02
CA GLY A 69 0.65 15.57 21.76
C GLY A 69 0.80 15.87 23.25
N SER A 70 0.67 14.84 24.09
CA SER A 70 0.81 15.01 25.53
C SER A 70 1.05 13.64 26.11
N GLY A 71 1.30 13.58 27.41
CA GLY A 71 1.52 12.30 28.07
C GLY A 71 2.47 12.37 29.24
N SER A 72 2.36 11.38 30.13
CA SER A 72 3.19 11.32 31.33
C SER A 72 3.56 9.89 31.73
N GLY A 73 4.77 9.75 32.24
CA GLY A 73 5.23 8.45 32.68
C GLY A 73 5.23 7.41 31.59
N THR A 74 4.08 6.79 31.34
CA THR A 74 4.01 5.75 30.34
C THR A 74 2.88 5.89 29.34
N ASP A 75 2.07 6.91 29.48
CA ASP A 75 0.94 7.06 28.57
C ASP A 75 1.02 8.37 27.85
N PHE A 76 0.91 8.31 26.52
CA PHE A 76 1.00 9.50 25.68
C PHE A 76 -0.18 9.48 24.74
N THR A 77 -0.66 10.65 24.38
CA THR A 77 -1.83 10.73 23.55
C THR A 77 -1.68 11.73 22.43
N LEU A 78 -2.18 11.38 21.26
CA LEU A 78 -2.19 12.27 20.12
C LEU A 78 -3.65 12.69 19.99
N LYS A 79 -3.86 13.99 19.80
CA LYS A 79 -5.20 14.52 19.64
C LYS A 79 -5.31 15.36 18.36
N ILE A 80 -6.41 15.15 17.67
CA ILE A 80 -6.72 15.88 16.44
C ILE A 80 -8.03 16.58 16.82
N SER A 81 -7.99 17.91 16.92
CA SER A 81 -9.18 18.68 17.30
C SER A 81 -10.31 18.70 16.29
N ARG A 82 -9.98 18.93 15.03
CA ARG A 82 -10.99 18.96 13.97
C ARG A 82 -10.42 18.03 12.93
N VAL A 83 -11.04 16.87 12.75
CA VAL A 83 -10.53 15.92 11.78
C VAL A 83 -10.90 16.40 10.39
N GLU A 84 -9.89 16.48 9.53
CA GLU A 84 -10.08 16.87 8.15
C GLU A 84 -9.88 15.65 7.27
N ALA A 85 -10.29 15.76 6.02
CA ALA A 85 -10.18 14.64 5.08
C ALA A 85 -8.77 14.10 4.89
N GLU A 86 -7.80 14.99 4.75
CA GLU A 86 -6.43 14.53 4.56
C GLU A 86 -5.84 13.70 5.69
N ASP A 87 -6.45 13.74 6.88
CA ASP A 87 -5.94 13.01 8.03
C ASP A 87 -6.15 11.49 8.11
N LEU A 88 -6.74 10.88 7.09
CA LEU A 88 -6.97 9.45 7.16
C LEU A 88 -5.68 8.73 6.82
N GLY A 89 -5.49 7.59 7.48
CA GLY A 89 -4.31 6.78 7.29
C GLY A 89 -4.06 6.05 8.60
N VAL A 90 -2.88 5.47 8.79
CA VAL A 90 -2.54 4.76 10.03
C VAL A 90 -1.52 5.55 10.82
N TYR A 91 -1.84 5.78 12.09
CA TYR A 91 -0.95 6.51 12.97
C TYR A 91 -0.15 5.51 13.77
N TYR A 92 1.08 5.90 14.13
CA TYR A 92 2.01 5.07 14.88
C TYR A 92 2.69 5.91 15.92
N CYS A 93 2.83 5.40 17.13
CA CYS A 93 3.58 6.16 18.14
C CYS A 93 4.94 5.49 18.07
N PHE A 94 5.97 6.17 18.54
CA PHE A 94 7.30 5.61 18.48
C PHE A 94 8.05 6.10 19.70
N GLN A 95 8.91 5.26 20.23
CA GLN A 95 9.72 5.58 21.41
C GLN A 95 11.20 5.45 21.07
N GLY A 96 11.95 6.52 21.26
CA GLY A 96 13.38 6.48 20.99
C GLY A 96 14.23 6.70 22.23
N SER A 97 13.61 6.60 23.41
CA SER A 97 14.36 6.80 24.66
C SER A 97 15.15 5.55 25.09
N HIS A 98 14.71 4.38 24.64
CA HIS A 98 15.34 3.13 25.02
C HIS A 98 15.61 2.23 23.83
N VAL A 99 16.63 1.40 23.96
CA VAL A 99 16.94 0.46 22.91
C VAL A 99 16.42 -0.88 23.42
N PRO A 100 15.71 -1.63 22.57
CA PRO A 100 15.40 -1.26 21.19
C PRO A 100 14.35 -0.16 21.01
N PHE A 101 14.52 0.63 19.95
CA PHE A 101 13.60 1.70 19.60
C PHE A 101 12.34 0.99 19.07
N THR A 102 11.19 1.29 19.67
CA THR A 102 9.95 0.61 19.30
C THR A 102 8.81 1.48 18.82
N PHE A 103 8.00 0.88 17.94
CA PHE A 103 6.82 1.50 17.34
C PHE A 103 5.56 0.84 17.91
N GLY A 104 4.46 1.59 17.89
CA GLY A 104 3.21 1.06 18.37
C GLY A 104 2.60 0.31 17.18
N SER A 105 1.67 -0.61 17.45
CA SER A 105 1.04 -1.41 16.39
C SER A 105 0.21 -0.66 15.35
N GLY A 106 -0.15 0.58 15.65
CA GLY A 106 -0.93 1.37 14.71
C GLY A 106 -2.42 1.46 15.00
N THR A 107 -2.99 2.59 14.61
CA THR A 107 -4.42 2.92 14.77
C THR A 107 -4.90 3.47 13.43
N LYS A 108 -5.77 2.75 12.74
CA LYS A 108 -6.27 3.21 11.46
C LYS A 108 -7.45 4.16 11.63
N LEU A 109 -7.30 5.38 11.13
CA LEU A 109 -8.33 6.38 11.20
C LEU A 109 -9.10 6.38 9.89
N GLU A 110 -10.40 6.12 9.98
CA GLU A 110 -11.23 6.10 8.79
C GLU A 110 -12.28 7.17 8.93
N ILE A 111 -12.50 7.88 7.84
CA ILE A 111 -13.47 8.96 7.80
C ILE A 111 -14.90 8.43 7.63
N LYS A 112 -15.75 8.76 8.59
CA LYS A 112 -17.15 8.36 8.58
C LYS A 112 -17.80 9.33 7.59
N ARG A 113 -18.50 8.77 6.61
CA ARG A 113 -19.11 9.57 5.56
C ARG A 113 -20.57 9.13 5.38
N THR A 114 -21.31 9.81 4.51
CA THR A 114 -22.70 9.43 4.21
C THR A 114 -22.67 8.15 3.38
N VAL A 115 -23.61 7.25 3.60
CA VAL A 115 -23.66 6.01 2.85
C VAL A 115 -23.69 6.28 1.34
N ALA A 116 -23.00 5.43 0.59
CA ALA A 116 -22.92 5.51 -0.86
C ALA A 116 -22.99 4.10 -1.44
N ALA A 117 -23.61 3.98 -2.61
CA ALA A 117 -23.78 2.69 -3.27
C ALA A 117 -22.64 2.39 -4.24
N PRO A 118 -22.24 1.12 -4.34
CA PRO A 118 -21.16 0.81 -5.28
C PRO A 118 -21.67 0.74 -6.69
N SER A 119 -20.90 1.26 -7.64
CA SER A 119 -21.27 1.17 -9.04
C SER A 119 -20.69 -0.19 -9.45
N VAL A 120 -21.53 -1.20 -9.58
CA VAL A 120 -21.02 -2.51 -9.95
C VAL A 120 -20.74 -2.61 -11.43
N PHE A 121 -19.74 -3.39 -11.76
CA PHE A 121 -19.33 -3.61 -13.14
C PHE A 121 -18.84 -5.01 -13.36
N ILE A 122 -19.01 -5.48 -14.57
CA ILE A 122 -18.60 -6.83 -14.93
C ILE A 122 -17.72 -6.69 -16.18
N PHE A 123 -16.55 -7.34 -16.12
CA PHE A 123 -15.59 -7.33 -17.21
C PHE A 123 -15.30 -8.76 -17.62
N PRO A 124 -15.86 -9.19 -18.75
CA PRO A 124 -15.61 -10.55 -19.19
C PRO A 124 -14.16 -10.67 -19.70
N PRO A 125 -13.63 -11.91 -19.76
CA PRO A 125 -12.28 -12.20 -20.22
C PRO A 125 -12.05 -11.79 -21.69
N SER A 126 -10.95 -11.10 -21.97
CA SER A 126 -10.63 -10.70 -23.34
C SER A 126 -9.96 -11.92 -23.99
N ASP A 127 -10.17 -12.10 -25.30
CA ASP A 127 -9.60 -13.24 -26.03
C ASP A 127 -8.12 -13.54 -25.70
N GLU A 128 -7.32 -12.47 -25.61
CA GLU A 128 -5.89 -12.57 -25.32
C GLU A 128 -5.50 -13.44 -24.14
N GLN A 129 -6.41 -13.64 -23.20
CA GLN A 129 -6.11 -14.49 -22.04
C GLN A 129 -6.83 -15.82 -22.24
N LEU A 130 -7.92 -15.78 -23.01
CA LEU A 130 -8.71 -16.95 -23.33
C LEU A 130 -7.87 -17.93 -24.12
N LYS A 131 -7.13 -17.40 -25.10
CA LYS A 131 -6.24 -18.17 -25.94
C LYS A 131 -5.18 -18.81 -25.04
N SER A 132 -4.70 -18.02 -24.07
CA SER A 132 -3.70 -18.45 -23.10
C SER A 132 -4.30 -19.51 -22.17
N GLY A 133 -5.63 -19.62 -22.22
CA GLY A 133 -6.32 -20.58 -21.39
C GLY A 133 -7.13 -19.86 -20.33
N THR A 134 -6.61 -19.84 -19.10
CA THR A 134 -7.28 -19.22 -17.96
C THR A 134 -7.82 -17.82 -18.18
N ALA A 135 -9.14 -17.75 -18.28
CA ALA A 135 -9.86 -16.51 -18.48
C ALA A 135 -10.52 -16.11 -17.14
N SER A 136 -10.34 -14.85 -16.74
CA SER A 136 -10.89 -14.33 -15.49
C SER A 136 -11.91 -13.22 -15.72
N VAL A 137 -13.09 -13.35 -15.12
CA VAL A 137 -14.12 -12.32 -15.25
C VAL A 137 -14.10 -11.51 -13.97
N VAL A 138 -13.79 -10.23 -14.13
CA VAL A 138 -13.68 -9.32 -13.00
C VAL A 138 -14.95 -8.50 -12.79
N CYS A 139 -15.36 -8.35 -11.54
CA CYS A 139 -16.53 -7.57 -11.20
C CYS A 139 -16.06 -6.42 -10.31
N LEU A 140 -16.29 -5.19 -10.77
CA LEU A 140 -15.85 -4.02 -10.02
C LEU A 140 -16.99 -3.34 -9.24
N LEU A 141 -16.77 -3.13 -7.94
CA LEU A 141 -17.71 -2.43 -7.06
C LEU A 141 -17.01 -1.12 -6.82
N ASN A 142 -17.30 -0.15 -7.67
CA ASN A 142 -16.67 1.15 -7.60
C ASN A 142 -17.22 2.08 -6.51
N ASN A 143 -16.33 2.90 -5.96
CA ASN A 143 -16.55 3.92 -4.93
C ASN A 143 -17.79 3.90 -4.02
N PHE A 144 -17.74 3.10 -2.94
CA PHE A 144 -18.85 2.97 -1.99
C PHE A 144 -18.45 3.09 -0.51
N TYR A 145 -19.45 3.15 0.35
CA TYR A 145 -19.24 3.29 1.78
C TYR A 145 -20.57 2.97 2.44
N PRO A 146 -20.55 2.26 3.56
CA PRO A 146 -19.41 1.70 4.28
C PRO A 146 -18.65 0.61 3.50
N ARG A 147 -17.70 -0.02 4.17
CA ARG A 147 -16.88 -1.06 3.60
C ARG A 147 -17.59 -2.41 3.49
N GLU A 148 -18.71 -2.55 4.18
CA GLU A 148 -19.46 -3.82 4.14
C GLU A 148 -20.04 -4.07 2.75
N ALA A 149 -19.55 -5.12 2.09
CA ALA A 149 -20.03 -5.49 0.77
C ALA A 149 -19.82 -6.99 0.54
N LYS A 150 -20.88 -7.65 0.10
CA LYS A 150 -20.87 -9.08 -0.16
C LYS A 150 -20.88 -9.25 -1.67
N VAL A 151 -20.05 -10.15 -2.17
CA VAL A 151 -20.00 -10.39 -3.59
C VAL A 151 -20.11 -11.89 -3.84
N GLN A 152 -21.19 -12.30 -4.50
CA GLN A 152 -21.41 -13.71 -4.82
C GLN A 152 -21.47 -13.94 -6.32
N TRP A 153 -20.84 -15.03 -6.75
CA TRP A 153 -20.79 -15.39 -8.16
C TRP A 153 -21.86 -16.37 -8.60
N LYS A 154 -22.56 -16.00 -9.66
CA LYS A 154 -23.62 -16.83 -10.21
C LYS A 154 -23.34 -17.12 -11.69
N VAL A 155 -22.79 -18.29 -11.95
CA VAL A 155 -22.50 -18.69 -13.33
C VAL A 155 -23.80 -19.35 -13.76
N ASP A 156 -24.52 -18.69 -14.68
CA ASP A 156 -25.84 -19.17 -15.14
C ASP A 156 -26.74 -19.04 -13.91
N ASN A 157 -26.54 -19.92 -12.93
CA ASN A 157 -27.26 -19.87 -11.67
C ASN A 157 -26.50 -20.64 -10.60
N ALA A 158 -25.28 -21.03 -10.94
CA ALA A 158 -24.42 -21.75 -10.02
C ALA A 158 -23.67 -20.75 -9.16
N LEU A 159 -23.60 -21.04 -7.86
CA LEU A 159 -22.89 -20.20 -6.90
C LEU A 159 -21.45 -20.72 -6.83
N GLN A 160 -20.55 -20.03 -7.51
CA GLN A 160 -19.16 -20.45 -7.53
C GLN A 160 -18.48 -20.17 -6.21
N SER A 161 -18.50 -21.16 -5.32
CA SER A 161 -17.85 -21.01 -4.02
C SER A 161 -16.37 -21.41 -4.07
N GLY A 162 -15.61 -20.77 -4.95
CA GLY A 162 -14.19 -21.09 -5.06
C GLY A 162 -13.34 -20.27 -6.01
N ASN A 163 -13.72 -20.19 -7.29
CA ASN A 163 -12.94 -19.46 -8.29
C ASN A 163 -13.02 -17.92 -8.24
N SER A 164 -12.95 -17.33 -7.04
CA SER A 164 -13.05 -15.89 -6.91
C SER A 164 -12.20 -15.34 -5.77
N GLN A 165 -11.74 -14.10 -5.92
CA GLN A 165 -10.94 -13.42 -4.90
C GLN A 165 -11.33 -11.96 -4.80
N GLU A 166 -10.96 -11.30 -3.70
CA GLU A 166 -11.32 -9.90 -3.48
C GLU A 166 -10.15 -8.94 -3.25
N SER A 167 -10.21 -7.79 -3.90
CA SER A 167 -9.17 -6.78 -3.75
C SER A 167 -9.92 -5.50 -3.35
N VAL A 168 -9.74 -5.08 -2.10
CA VAL A 168 -10.40 -3.88 -1.57
C VAL A 168 -9.38 -2.77 -1.38
N THR A 169 -9.68 -1.59 -1.85
CA THR A 169 -8.75 -0.49 -1.69
C THR A 169 -8.89 0.17 -0.31
N GLU A 170 -8.04 1.14 -0.04
CA GLU A 170 -8.07 1.88 1.21
C GLU A 170 -9.01 3.04 0.93
N GLN A 171 -9.33 3.81 1.95
CA GLN A 171 -10.21 4.93 1.76
C GLN A 171 -9.51 5.94 0.89
N ASP A 172 -10.29 6.55 0.02
CA ASP A 172 -9.89 7.56 -0.95
C ASP A 172 -10.13 8.95 -0.35
N SER A 173 -9.10 9.80 -0.28
CA SER A 173 -9.26 11.14 0.30
C SER A 173 -10.12 12.12 -0.51
N LYS A 174 -10.42 11.77 -1.75
CA LYS A 174 -11.21 12.63 -2.61
C LYS A 174 -12.69 12.60 -2.23
N ASP A 175 -13.14 11.46 -1.71
CA ASP A 175 -14.53 11.34 -1.31
C ASP A 175 -14.79 10.32 -0.19
N SER A 176 -13.73 9.80 0.40
CA SER A 176 -13.80 8.84 1.50
C SER A 176 -14.49 7.51 1.19
N THR A 177 -14.37 7.06 -0.05
CA THR A 177 -14.98 5.80 -0.47
C THR A 177 -13.96 4.69 -0.66
N TYR A 178 -14.47 3.50 -0.91
CA TYR A 178 -13.66 2.31 -1.12
C TYR A 178 -14.05 1.76 -2.48
N SER A 179 -13.31 0.75 -2.95
CA SER A 179 -13.62 0.10 -4.20
C SER A 179 -13.23 -1.33 -3.94
N LEU A 180 -13.84 -2.24 -4.67
CA LEU A 180 -13.57 -3.65 -4.48
C LEU A 180 -13.64 -4.38 -5.81
N SER A 181 -12.80 -5.38 -5.97
CA SER A 181 -12.78 -6.16 -7.19
C SER A 181 -12.73 -7.64 -6.88
N SER A 182 -13.62 -8.39 -7.54
CA SER A 182 -13.70 -9.83 -7.38
C SER A 182 -13.50 -10.43 -8.76
N THR A 183 -12.55 -11.36 -8.86
CA THR A 183 -12.22 -12.00 -10.13
C THR A 183 -12.54 -13.48 -10.13
N LEU A 184 -13.39 -13.90 -11.06
CA LEU A 184 -13.73 -15.29 -11.19
C LEU A 184 -12.75 -15.80 -12.23
N THR A 185 -11.80 -16.61 -11.78
CA THR A 185 -10.74 -17.17 -12.64
C THR A 185 -11.07 -18.56 -13.17
N LEU A 186 -11.49 -18.62 -14.43
CA LEU A 186 -11.83 -19.90 -15.04
C LEU A 186 -10.93 -20.31 -16.20
N SER A 187 -10.92 -21.62 -16.44
CA SER A 187 -10.16 -22.21 -17.53
C SER A 187 -11.14 -22.20 -18.71
N LYS A 188 -10.65 -21.86 -19.89
CA LYS A 188 -11.45 -21.80 -21.12
C LYS A 188 -12.68 -22.69 -21.15
N ALA A 189 -12.52 -23.97 -20.83
CA ALA A 189 -13.61 -24.93 -20.83
C ALA A 189 -14.80 -24.50 -19.97
N ASP A 190 -14.59 -24.44 -18.66
CA ASP A 190 -15.62 -24.07 -17.70
C ASP A 190 -16.34 -22.80 -18.11
N TYR A 191 -15.58 -21.78 -18.46
CA TYR A 191 -16.13 -20.52 -18.90
C TYR A 191 -16.92 -20.72 -20.19
N GLU A 192 -16.27 -21.40 -21.14
CA GLU A 192 -16.84 -21.70 -22.46
C GLU A 192 -18.17 -22.46 -22.38
N LYS A 193 -18.31 -23.30 -21.36
CA LYS A 193 -19.51 -24.08 -21.17
C LYS A 193 -20.78 -23.28 -20.88
N HIS A 194 -20.64 -22.06 -20.36
CA HIS A 194 -21.82 -21.26 -20.01
C HIS A 194 -21.85 -19.88 -20.65
N LYS A 195 -23.03 -19.45 -21.08
CA LYS A 195 -23.13 -18.14 -21.71
C LYS A 195 -23.17 -16.98 -20.73
N VAL A 196 -24.12 -16.99 -19.80
CA VAL A 196 -24.25 -15.89 -18.85
C VAL A 196 -23.54 -16.04 -17.52
N TYR A 197 -22.92 -14.94 -17.10
CA TYR A 197 -22.17 -14.88 -15.85
C TYR A 197 -22.68 -13.68 -15.06
N ALA A 198 -23.12 -13.94 -13.84
CA ALA A 198 -23.64 -12.90 -12.98
C ALA A 198 -22.84 -12.71 -11.69
N CYS A 199 -22.75 -11.45 -11.28
CA CYS A 199 -22.04 -11.04 -10.08
C CYS A 199 -23.10 -10.32 -9.26
N GLU A 200 -23.43 -10.86 -8.08
CA GLU A 200 -24.47 -10.28 -7.23
C GLU A 200 -23.96 -9.46 -6.04
N VAL A 201 -24.21 -8.15 -6.09
CA VAL A 201 -23.79 -7.25 -5.03
C VAL A 201 -24.90 -6.90 -4.04
N THR A 202 -24.51 -6.87 -2.78
CA THR A 202 -25.40 -6.57 -1.67
C THR A 202 -24.68 -5.52 -0.82
N HIS A 203 -25.26 -4.34 -0.69
CA HIS A 203 -24.60 -3.34 0.11
C HIS A 203 -25.59 -2.61 0.98
N GLN A 204 -25.09 -2.01 2.05
CA GLN A 204 -25.91 -1.26 2.98
C GLN A 204 -26.75 -0.16 2.30
N GLY A 205 -26.17 0.57 1.35
CA GLY A 205 -26.94 1.59 0.66
C GLY A 205 -27.67 0.94 -0.51
N LEU A 206 -27.69 -0.38 -0.52
CA LEU A 206 -28.31 -1.15 -1.59
C LEU A 206 -29.45 -1.99 -1.04
N SER A 207 -30.67 -1.47 -1.18
CA SER A 207 -31.89 -2.16 -0.71
C SER A 207 -32.11 -3.49 -1.43
N SER A 208 -32.22 -3.43 -2.75
CA SER A 208 -32.42 -4.61 -3.56
C SER A 208 -31.03 -4.98 -4.11
N PRO A 209 -30.46 -6.11 -3.65
CA PRO A 209 -29.14 -6.55 -4.11
C PRO A 209 -29.05 -6.58 -5.63
N VAL A 210 -28.23 -5.71 -6.18
CA VAL A 210 -28.06 -5.63 -7.61
C VAL A 210 -27.19 -6.75 -8.13
N THR A 211 -27.53 -7.24 -9.32
CA THR A 211 -26.80 -8.31 -9.96
C THR A 211 -26.20 -7.75 -11.23
N LYS A 212 -25.08 -8.29 -11.67
CA LYS A 212 -24.42 -7.80 -12.87
C LYS A 212 -23.99 -9.00 -13.71
N SER A 213 -24.65 -9.17 -14.85
CA SER A 213 -24.36 -10.30 -15.73
C SER A 213 -24.16 -9.90 -17.19
N PHE A 214 -23.48 -10.77 -17.93
CA PHE A 214 -23.20 -10.54 -19.35
C PHE A 214 -23.48 -11.82 -20.14
N ASN A 215 -23.46 -11.69 -21.46
CA ASN A 215 -23.68 -12.82 -22.36
C ASN A 215 -22.32 -13.16 -22.94
N ARG A 216 -21.91 -14.42 -22.81
CA ARG A 216 -20.62 -14.87 -23.33
C ARG A 216 -20.60 -14.77 -24.84
N GLY A 217 -19.42 -14.54 -25.41
CA GLY A 217 -19.31 -14.42 -26.86
C GLY A 217 -17.90 -14.65 -27.34
N GLU A 218 -17.72 -14.57 -28.65
CA GLU A 218 -16.42 -14.77 -29.28
C GLU A 218 -16.42 -14.14 -30.66
N CYS A 219 -15.22 -13.85 -31.17
CA CYS A 219 -15.05 -13.24 -32.49
C CYS A 219 -13.60 -13.37 -32.93
N GLU B 1 15.62 20.28 -3.06
CA GLU B 1 14.92 19.95 -1.78
C GLU B 1 15.50 18.65 -1.24
N VAL B 2 15.34 18.42 0.06
CA VAL B 2 15.86 17.21 0.71
C VAL B 2 15.09 15.95 0.35
N ASN B 3 15.82 14.88 0.07
CA ASN B 3 15.19 13.60 -0.25
C ASN B 3 16.18 12.44 -0.21
N LEU B 4 15.65 11.25 0.06
CA LEU B 4 16.46 10.06 0.17
C LEU B 4 15.95 9.07 -0.85
N VAL B 5 16.85 8.31 -1.45
CA VAL B 5 16.45 7.33 -2.45
C VAL B 5 17.10 5.98 -2.18
N GLU B 6 16.28 5.00 -1.83
CA GLU B 6 16.79 3.67 -1.57
C GLU B 6 16.72 2.87 -2.86
N SER B 7 17.62 1.90 -3.00
CA SER B 7 17.66 1.08 -4.20
C SER B 7 18.53 -0.15 -3.99
N GLY B 8 18.21 -1.23 -4.69
CA GLY B 8 19.01 -2.43 -4.59
C GLY B 8 18.35 -3.68 -4.04
N GLY B 9 17.03 -3.71 -3.98
CA GLY B 9 16.37 -4.89 -3.46
C GLY B 9 15.58 -5.63 -4.50
N GLY B 10 15.32 -6.90 -4.22
CA GLY B 10 14.55 -7.70 -5.14
C GLY B 10 14.27 -9.04 -4.50
N LEU B 11 14.41 -10.10 -5.28
CA LEU B 11 14.20 -11.45 -4.79
C LEU B 11 15.55 -12.07 -4.44
N VAL B 12 15.65 -12.58 -3.22
CA VAL B 12 16.87 -13.22 -2.75
C VAL B 12 16.32 -14.42 -2.04
N GLN B 13 17.03 -15.54 -2.07
CA GLN B 13 16.54 -16.73 -1.40
C GLN B 13 17.00 -16.84 0.05
N PRO B 14 16.29 -17.62 0.87
CA PRO B 14 16.63 -17.79 2.29
C PRO B 14 18.09 -18.16 2.48
N GLY B 15 18.74 -17.49 3.43
CA GLY B 15 20.14 -17.77 3.67
C GLY B 15 21.08 -16.96 2.79
N GLY B 16 20.52 -16.25 1.81
CA GLY B 16 21.32 -15.43 0.91
C GLY B 16 21.82 -14.11 1.48
N SER B 17 22.15 -13.17 0.61
CA SER B 17 22.68 -11.87 1.00
C SER B 17 22.32 -10.78 -0.01
N LEU B 18 22.08 -9.58 0.50
CA LEU B 18 21.71 -8.44 -0.34
C LEU B 18 22.26 -7.19 0.31
N LYS B 19 22.51 -6.16 -0.50
CA LYS B 19 23.02 -4.89 -0.01
C LYS B 19 22.21 -3.78 -0.62
N VAL B 20 21.39 -3.17 0.23
CA VAL B 20 20.54 -2.07 -0.16
C VAL B 20 21.32 -0.78 0.10
N SER B 21 21.06 0.25 -0.69
CA SER B 21 21.75 1.51 -0.51
C SER B 21 20.73 2.63 -0.49
N CYS B 22 21.18 3.82 -0.09
CA CYS B 22 20.33 5.00 0.00
C CYS B 22 21.14 6.24 -0.36
N VAL B 23 20.65 7.04 -1.29
CA VAL B 23 21.35 8.25 -1.70
C VAL B 23 20.71 9.53 -1.21
N THR B 24 21.54 10.30 -0.50
CA THR B 24 21.19 11.56 0.09
C THR B 24 21.27 12.73 -0.87
N SER B 25 20.35 13.68 -0.70
CA SER B 25 20.30 14.88 -1.50
C SER B 25 19.58 15.97 -0.72
N GLY B 26 20.07 17.19 -0.80
CA GLY B 26 19.43 18.32 -0.15
C GLY B 26 19.84 18.70 1.24
N PHE B 27 20.89 18.08 1.77
CA PHE B 27 21.35 18.40 3.11
C PHE B 27 22.75 17.85 3.30
N THR B 28 23.43 18.31 4.33
CA THR B 28 24.78 17.86 4.61
C THR B 28 24.78 16.45 5.23
N PHE B 29 24.82 15.43 4.39
CA PHE B 29 24.81 14.03 4.81
C PHE B 29 25.70 13.71 6.01
N SER B 30 26.94 14.16 5.96
CA SER B 30 27.90 13.89 7.03
C SER B 30 27.60 14.51 8.39
N ASP B 31 26.63 15.41 8.46
CA ASP B 31 26.28 16.04 9.73
C ASP B 31 25.21 15.26 10.51
N TYR B 32 24.58 14.29 9.87
CA TYR B 32 23.48 13.54 10.48
C TYR B 32 23.60 12.05 10.76
N TYR B 33 22.97 11.61 11.85
CA TYR B 33 22.92 10.20 12.18
C TYR B 33 21.88 9.70 11.16
N MET B 34 22.11 8.52 10.60
CA MET B 34 21.21 7.96 9.62
C MET B 34 20.56 6.70 10.14
N TYR B 35 19.40 6.36 9.60
CA TYR B 35 18.67 5.19 10.04
C TYR B 35 18.19 4.29 8.90
N TRP B 36 17.91 3.06 9.26
CA TRP B 36 17.36 2.08 8.33
C TRP B 36 16.13 1.54 9.05
N VAL B 37 14.95 1.74 8.46
CA VAL B 37 13.68 1.30 9.07
C VAL B 37 12.96 0.35 8.13
N ARG B 38 12.22 -0.62 8.66
CA ARG B 38 11.50 -1.52 7.76
C ARG B 38 10.04 -1.72 8.15
N GLN B 39 9.21 -2.01 7.17
CA GLN B 39 7.80 -2.24 7.39
C GLN B 39 7.47 -3.60 6.82
N THR B 40 6.97 -4.49 7.64
CA THR B 40 6.65 -5.84 7.19
C THR B 40 5.34 -5.86 6.43
N PRO B 41 5.03 -6.99 5.76
CA PRO B 41 3.78 -7.07 5.00
C PRO B 41 2.55 -6.73 5.83
N GLU B 42 2.52 -7.16 7.09
CA GLU B 42 1.36 -6.84 7.92
C GLU B 42 1.37 -5.39 8.38
N LYS B 43 2.19 -4.57 7.73
CA LYS B 43 2.30 -3.15 8.03
C LYS B 43 2.89 -2.83 9.41
N ARG B 44 3.63 -3.77 9.96
CA ARG B 44 4.29 -3.58 11.25
C ARG B 44 5.51 -2.74 10.90
N LEU B 45 5.85 -1.75 11.73
CA LEU B 45 6.99 -0.89 11.50
C LEU B 45 8.08 -1.25 12.51
N GLU B 46 9.32 -1.41 12.04
CA GLU B 46 10.43 -1.80 12.92
C GLU B 46 11.71 -1.04 12.60
N TRP B 47 12.44 -0.67 13.65
CA TRP B 47 13.71 0.02 13.48
C TRP B 47 14.78 -1.05 13.20
N VAL B 48 15.67 -0.78 12.25
CA VAL B 48 16.67 -1.77 11.88
C VAL B 48 18.09 -1.45 12.31
N ALA B 49 18.47 -0.17 12.20
CA ALA B 49 19.82 0.26 12.57
C ALA B 49 20.02 1.75 12.43
N TYR B 50 21.10 2.23 13.03
CA TYR B 50 21.49 3.64 12.97
C TYR B 50 23.02 3.69 12.94
N ILE B 51 23.57 4.80 12.46
CA ILE B 51 25.00 4.99 12.37
C ILE B 51 25.35 6.45 12.55
N SER B 52 26.35 6.72 13.37
CA SER B 52 26.79 8.07 13.65
C SER B 52 27.35 8.72 12.41
N GLN B 53 27.72 9.99 12.51
CA GLN B 53 28.27 10.69 11.37
C GLN B 53 29.64 10.17 10.94
N GLY B 54 30.48 9.83 11.91
CA GLY B 54 31.80 9.35 11.55
C GLY B 54 31.72 7.95 10.98
N GLY B 55 30.81 7.13 11.52
CA GLY B 55 30.65 5.77 11.05
C GLY B 55 31.12 4.77 12.07
N ASP B 56 31.69 5.25 13.17
CA ASP B 56 32.21 4.38 14.23
C ASP B 56 31.15 3.91 15.24
N ILE B 57 30.02 4.62 15.35
CA ILE B 57 28.97 4.26 16.31
C ILE B 57 27.71 3.77 15.60
N THR B 58 27.34 2.52 15.86
CA THR B 58 26.17 1.89 15.26
C THR B 58 25.46 0.95 16.24
N ASP B 59 24.21 0.59 15.95
CA ASP B 59 23.47 -0.34 16.78
C ASP B 59 22.33 -0.98 16.01
N TYR B 60 21.87 -2.14 16.45
CA TYR B 60 20.77 -2.83 15.78
C TYR B 60 19.96 -3.60 16.79
N PRO B 61 18.69 -3.91 16.46
CA PRO B 61 17.85 -4.67 17.38
C PRO B 61 18.32 -6.12 17.32
N ASP B 62 18.24 -6.84 18.43
CA ASP B 62 18.68 -8.23 18.48
C ASP B 62 18.24 -9.08 17.29
N THR B 63 17.03 -8.83 16.82
CA THR B 63 16.44 -9.56 15.69
C THR B 63 17.25 -9.50 14.40
N VAL B 64 18.08 -8.48 14.28
CA VAL B 64 18.88 -8.28 13.08
C VAL B 64 20.36 -8.13 13.43
N LYS B 65 20.68 -8.21 14.71
CA LYS B 65 22.05 -8.05 15.19
C LYS B 65 22.95 -9.20 14.75
N GLY B 66 23.97 -8.86 13.97
CA GLY B 66 24.92 -9.85 13.51
C GLY B 66 24.76 -10.27 12.07
N ARG B 67 23.55 -10.18 11.54
CA ARG B 67 23.31 -10.55 10.17
C ARG B 67 23.31 -9.31 9.31
N PHE B 68 22.94 -8.19 9.91
CA PHE B 68 22.89 -6.93 9.20
C PHE B 68 24.05 -6.05 9.61
N THR B 69 24.45 -5.17 8.71
CA THR B 69 25.53 -4.23 8.93
C THR B 69 25.21 -2.92 8.21
N ILE B 70 25.21 -1.81 8.95
CA ILE B 70 24.91 -0.51 8.36
C ILE B 70 26.24 0.19 8.09
N SER B 71 26.34 0.89 6.97
CA SER B 71 27.56 1.60 6.63
C SER B 71 27.17 2.84 5.85
N ARG B 72 28.09 3.78 5.73
CA ARG B 72 27.81 5.01 5.02
C ARG B 72 29.06 5.50 4.36
N ASP B 73 28.90 6.15 3.22
CA ASP B 73 30.04 6.67 2.50
C ASP B 73 29.81 8.16 2.39
N ASN B 74 30.33 8.88 3.37
CA ASN B 74 30.21 10.33 3.41
C ASN B 74 30.69 11.00 2.13
N ALA B 75 31.67 10.37 1.48
CA ALA B 75 32.22 10.91 0.24
C ALA B 75 31.15 11.04 -0.82
N LYS B 76 30.35 9.99 -0.98
CA LYS B 76 29.29 9.97 -1.97
C LYS B 76 27.87 10.19 -1.40
N ASN B 77 27.78 10.63 -0.16
CA ASN B 77 26.49 10.87 0.48
C ASN B 77 25.52 9.70 0.35
N SER B 78 26.02 8.48 0.49
CA SER B 78 25.18 7.31 0.39
C SER B 78 25.24 6.59 1.72
N LEU B 79 24.21 5.79 1.99
CA LEU B 79 24.09 4.99 3.22
C LEU B 79 23.80 3.58 2.74
N TYR B 80 24.43 2.58 3.35
CA TYR B 80 24.27 1.20 2.93
C TYR B 80 23.81 0.31 4.04
N LEU B 81 23.14 -0.75 3.64
CA LEU B 81 22.67 -1.74 4.59
C LEU B 81 23.04 -3.07 4.00
N GLN B 82 24.01 -3.72 4.61
CA GLN B 82 24.45 -5.02 4.17
C GLN B 82 23.57 -6.02 4.92
N MET B 83 22.94 -6.92 4.17
CA MET B 83 22.08 -7.92 4.77
C MET B 83 22.65 -9.28 4.42
N SER B 84 22.81 -10.12 5.43
CA SER B 84 23.38 -11.45 5.23
C SER B 84 22.56 -12.47 6.00
N ARG B 85 22.58 -13.72 5.53
CA ARG B 85 21.84 -14.81 6.16
C ARG B 85 20.36 -14.50 6.23
N LEU B 86 19.84 -13.86 5.20
CA LEU B 86 18.43 -13.48 5.17
C LEU B 86 17.43 -14.56 5.53
N LYS B 87 16.41 -14.14 6.26
CA LYS B 87 15.33 -15.03 6.68
C LYS B 87 14.12 -14.50 5.96
N SER B 88 13.09 -15.33 5.90
CA SER B 88 11.84 -14.97 5.25
C SER B 88 11.20 -13.83 6.02
N GLU B 89 11.39 -13.83 7.33
CA GLU B 89 10.80 -12.78 8.15
C GLU B 89 11.35 -11.41 7.78
N ASP B 90 12.57 -11.40 7.22
CA ASP B 90 13.22 -10.17 6.78
C ASP B 90 12.58 -9.57 5.54
N THR B 91 11.54 -10.23 5.02
CA THR B 91 10.80 -9.77 3.85
C THR B 91 10.07 -8.49 4.24
N ALA B 92 10.41 -7.38 3.60
CA ALA B 92 9.78 -6.10 3.92
C ALA B 92 10.20 -4.94 3.04
N MET B 93 9.69 -3.78 3.39
CA MET B 93 9.96 -2.55 2.69
C MET B 93 11.01 -1.85 3.54
N TYR B 94 12.18 -1.60 2.97
CA TYR B 94 13.26 -0.96 3.71
C TYR B 94 13.40 0.50 3.38
N TYR B 95 13.23 1.35 4.38
CA TYR B 95 13.33 2.80 4.23
C TYR B 95 14.57 3.30 4.93
N CYS B 96 15.12 4.39 4.43
CA CYS B 96 16.26 5.00 5.09
C CYS B 96 15.64 6.31 5.53
N ALA B 97 16.10 6.83 6.66
CA ALA B 97 15.54 8.05 7.22
C ALA B 97 16.61 8.95 7.85
N ARG B 98 16.30 10.23 7.97
CA ARG B 98 17.20 11.21 8.55
C ARG B 98 16.40 11.92 9.64
N GLY B 99 17.06 12.30 10.73
CA GLY B 99 16.36 12.94 11.82
C GLY B 99 16.50 14.42 11.91
N LEU B 100 16.45 14.95 13.12
CA LEU B 100 16.56 16.37 13.36
C LEU B 100 17.53 16.52 14.48
N ASP B 101 18.40 17.50 14.36
CA ASP B 101 19.39 17.81 15.39
C ASP B 101 18.66 18.03 16.73
N ASP B 102 17.46 18.59 16.58
CA ASP B 102 16.53 18.93 17.65
C ASP B 102 16.08 17.79 18.59
N GLY B 103 16.05 16.56 18.09
CA GLY B 103 15.64 15.47 18.94
C GLY B 103 14.49 14.70 18.34
N ALA B 104 14.61 14.40 17.05
CA ALA B 104 13.61 13.65 16.29
C ALA B 104 14.32 12.57 15.50
N TRP B 105 13.71 11.40 15.44
CA TRP B 105 14.30 10.26 14.77
C TRP B 105 14.14 10.27 13.26
N PHE B 106 12.91 10.10 12.80
CA PHE B 106 12.64 10.02 11.37
C PHE B 106 11.86 11.17 10.76
N ALA B 107 12.50 12.32 10.61
CA ALA B 107 11.86 13.49 10.01
C ALA B 107 11.80 13.38 8.50
N TYR B 108 12.78 12.70 7.90
CA TYR B 108 12.81 12.50 6.45
C TYR B 108 12.92 11.03 6.08
N TRP B 109 11.93 10.53 5.34
CA TRP B 109 11.91 9.13 4.90
C TRP B 109 12.12 9.01 3.40
N GLY B 110 12.69 7.89 2.98
CA GLY B 110 12.89 7.67 1.56
C GLY B 110 11.59 7.15 0.96
N GLN B 111 11.73 6.42 -0.14
CA GLN B 111 10.60 5.84 -0.87
C GLN B 111 10.45 4.39 -0.47
N GLY B 112 11.57 3.76 -0.14
CA GLY B 112 11.58 2.36 0.22
C GLY B 112 11.95 1.49 -0.96
N THR B 113 12.49 0.31 -0.66
CA THR B 113 12.89 -0.67 -1.66
C THR B 113 12.46 -2.01 -1.07
N LEU B 114 11.60 -2.73 -1.79
CA LEU B 114 11.08 -4.00 -1.30
C LEU B 114 11.99 -5.23 -1.45
N VAL B 115 12.33 -5.86 -0.33
CA VAL B 115 13.16 -7.07 -0.33
C VAL B 115 12.29 -8.28 0.00
N THR B 116 12.15 -9.17 -0.98
CA THR B 116 11.35 -10.38 -0.85
C THR B 116 12.29 -11.55 -0.53
N VAL B 117 12.00 -12.36 0.49
CA VAL B 117 12.88 -13.47 0.83
C VAL B 117 12.23 -14.85 0.70
N SER B 118 12.35 -15.47 -0.47
CA SER B 118 11.75 -16.79 -0.71
C SER B 118 12.52 -17.67 -1.71
N VAL B 119 12.11 -18.93 -1.78
CA VAL B 119 12.71 -19.91 -2.68
C VAL B 119 11.94 -19.92 -4.02
N ALA B 120 11.01 -18.98 -4.17
CA ALA B 120 10.18 -18.86 -5.37
C ALA B 120 10.97 -18.44 -6.60
N SER B 121 10.30 -18.40 -7.75
CA SER B 121 10.95 -18.02 -9.00
C SER B 121 10.36 -16.76 -9.63
N THR B 122 11.24 -15.87 -10.07
CA THR B 122 10.85 -14.64 -10.72
C THR B 122 10.05 -14.96 -11.98
N LYS B 123 8.88 -14.35 -12.12
CA LYS B 123 8.04 -14.56 -13.30
C LYS B 123 7.42 -13.23 -13.69
N GLY B 124 7.46 -12.91 -14.98
CA GLY B 124 6.89 -11.67 -15.46
C GLY B 124 5.37 -11.73 -15.50
N PRO B 125 4.68 -10.58 -15.55
CA PRO B 125 3.22 -10.54 -15.58
C PRO B 125 2.64 -10.46 -16.98
N SER B 126 1.45 -11.00 -17.16
CA SER B 126 0.76 -10.96 -18.44
C SER B 126 -0.27 -9.84 -18.38
N VAL B 127 0.04 -8.72 -19.01
CA VAL B 127 -0.86 -7.58 -19.01
C VAL B 127 -2.07 -7.78 -19.92
N PHE B 128 -3.17 -8.23 -19.34
CA PHE B 128 -4.41 -8.45 -20.09
C PHE B 128 -5.30 -7.22 -20.01
N PRO B 129 -6.23 -7.09 -20.96
CA PRO B 129 -7.14 -5.94 -20.96
C PRO B 129 -8.50 -6.31 -20.33
N LEU B 130 -9.33 -5.27 -20.13
CA LEU B 130 -10.70 -5.41 -19.60
C LEU B 130 -11.55 -4.57 -20.61
N ALA B 131 -12.28 -5.25 -21.47
CA ALA B 131 -13.08 -4.56 -22.51
C ALA B 131 -14.47 -4.12 -22.06
N PRO B 132 -14.74 -2.81 -22.15
CA PRO B 132 -16.04 -2.22 -21.79
C PRO B 132 -17.01 -2.24 -22.96
N SER B 133 -17.16 -3.42 -23.57
CA SER B 133 -18.03 -3.62 -24.73
C SER B 133 -19.43 -3.03 -24.64
N SER B 134 -20.16 -3.36 -23.57
CA SER B 134 -21.51 -2.85 -23.40
C SER B 134 -22.01 -2.96 -21.97
N LYS B 135 -21.75 -4.11 -21.34
CA LYS B 135 -22.18 -4.34 -19.96
C LYS B 135 -21.27 -3.58 -18.99
N SER B 136 -21.28 -2.25 -19.12
CA SER B 136 -20.47 -1.37 -18.29
C SER B 136 -20.78 0.09 -18.63
N THR B 137 -21.31 0.32 -19.83
CA THR B 137 -21.66 1.67 -20.26
C THR B 137 -22.97 2.11 -19.61
N SER B 138 -22.87 2.52 -18.35
CA SER B 138 -24.03 2.96 -17.58
C SER B 138 -24.56 4.33 -18.02
N GLY B 139 -23.95 4.90 -19.05
CA GLY B 139 -24.38 6.19 -19.55
C GLY B 139 -23.22 6.97 -20.11
N GLY B 140 -22.79 7.99 -19.37
CA GLY B 140 -21.69 8.84 -19.82
C GLY B 140 -20.41 8.67 -19.02
N THR B 141 -20.15 7.42 -18.64
CA THR B 141 -18.97 7.04 -17.89
C THR B 141 -18.99 5.53 -17.77
N ALA B 142 -17.82 4.92 -17.93
CA ALA B 142 -17.68 3.48 -17.82
C ALA B 142 -16.30 3.20 -17.25
N ALA B 143 -16.09 1.98 -16.77
CA ALA B 143 -14.81 1.61 -16.19
C ALA B 143 -14.09 0.64 -17.11
N LEU B 144 -12.76 0.64 -17.03
CA LEU B 144 -11.93 -0.22 -17.85
C LEU B 144 -10.56 -0.32 -17.21
N GLY B 145 -9.77 -1.30 -17.62
CA GLY B 145 -8.45 -1.42 -17.07
C GLY B 145 -7.64 -2.56 -17.66
N CYS B 146 -6.51 -2.84 -17.05
CA CYS B 146 -5.63 -3.91 -17.48
C CYS B 146 -5.45 -4.83 -16.30
N LEU B 147 -5.63 -6.12 -16.52
CA LEU B 147 -5.44 -7.09 -15.47
C LEU B 147 -4.01 -7.60 -15.60
N VAL B 148 -3.19 -7.25 -14.60
CA VAL B 148 -1.80 -7.67 -14.54
C VAL B 148 -1.84 -9.03 -13.83
N LYS B 149 -1.89 -10.10 -14.62
CA LYS B 149 -2.00 -11.45 -14.11
C LYS B 149 -0.68 -12.19 -13.99
N ASP B 150 -0.63 -13.10 -13.02
CA ASP B 150 0.53 -13.95 -12.76
C ASP B 150 1.91 -13.31 -12.79
N TYR B 151 2.45 -12.96 -11.61
CA TYR B 151 3.78 -12.38 -11.48
C TYR B 151 4.33 -12.63 -10.09
N PHE B 152 5.66 -12.52 -9.96
CA PHE B 152 6.37 -12.70 -8.70
C PHE B 152 7.84 -12.34 -8.91
N PRO B 153 8.47 -11.66 -7.94
CA PRO B 153 7.88 -11.20 -6.68
C PRO B 153 7.22 -9.85 -6.92
N GLN B 154 6.73 -9.23 -5.84
CA GLN B 154 6.12 -7.93 -5.94
C GLN B 154 7.37 -7.05 -6.05
N PRO B 155 7.22 -5.81 -6.53
CA PRO B 155 6.02 -5.11 -6.97
C PRO B 155 5.91 -4.91 -8.48
N VAL B 156 4.72 -4.47 -8.88
CA VAL B 156 4.43 -4.18 -10.27
C VAL B 156 3.82 -2.81 -10.22
N THR B 157 4.34 -1.92 -11.06
CA THR B 157 3.87 -0.55 -11.17
C THR B 157 2.99 -0.42 -12.41
N VAL B 158 1.89 0.29 -12.31
CA VAL B 158 1.00 0.50 -13.44
C VAL B 158 0.77 2.00 -13.58
N SER B 159 0.68 2.47 -14.83
CA SER B 159 0.44 3.89 -15.11
C SER B 159 -0.54 3.99 -16.29
N TRP B 160 -1.14 5.14 -16.48
CA TRP B 160 -2.07 5.31 -17.57
C TRP B 160 -1.63 6.49 -18.39
N ASN B 161 -1.54 6.28 -19.71
CA ASN B 161 -1.11 7.32 -20.62
C ASN B 161 0.17 7.96 -20.05
N SER B 162 1.04 7.10 -19.51
CA SER B 162 2.31 7.50 -18.92
C SER B 162 2.20 8.67 -17.94
N GLY B 163 1.21 8.60 -17.05
CA GLY B 163 1.02 9.67 -16.09
C GLY B 163 0.04 10.74 -16.54
N ALA B 164 -0.48 10.60 -17.75
CA ALA B 164 -1.44 11.58 -18.26
C ALA B 164 -2.87 11.07 -18.03
N LEU B 165 -3.07 10.52 -16.83
CA LEU B 165 -4.36 10.01 -16.39
C LEU B 165 -4.15 9.65 -14.92
N THR B 166 -4.24 10.68 -14.08
CA THR B 166 -4.05 10.55 -12.65
C THR B 166 -5.40 10.27 -11.99
N SER B 167 -6.22 11.31 -11.95
CA SER B 167 -7.53 11.23 -11.34
C SER B 167 -8.43 10.23 -12.09
N GLY B 168 -9.03 9.33 -11.32
CA GLY B 168 -9.92 8.31 -11.85
C GLY B 168 -9.32 6.92 -11.76
N VAL B 169 -8.00 6.89 -11.66
CA VAL B 169 -7.25 5.65 -11.58
C VAL B 169 -7.47 4.93 -10.26
N HIS B 170 -7.84 3.66 -10.37
CA HIS B 170 -8.08 2.78 -9.24
C HIS B 170 -7.23 1.54 -9.43
N THR B 171 -6.00 1.58 -8.92
CA THR B 171 -5.12 0.43 -9.01
C THR B 171 -5.27 -0.32 -7.69
N PHE B 172 -5.79 -1.54 -7.78
CA PHE B 172 -6.02 -2.36 -6.61
C PHE B 172 -4.76 -3.03 -6.12
N PRO B 173 -4.68 -3.29 -4.80
CA PRO B 173 -3.50 -3.96 -4.27
C PRO B 173 -3.46 -5.42 -4.68
N ALA B 174 -2.25 -5.94 -4.83
CA ALA B 174 -2.03 -7.32 -5.24
C ALA B 174 -2.64 -8.36 -4.29
N VAL B 175 -3.03 -9.49 -4.86
CA VAL B 175 -3.60 -10.63 -4.12
C VAL B 175 -2.69 -11.84 -4.43
N LEU B 176 -2.20 -12.53 -3.41
CA LEU B 176 -1.37 -13.70 -3.66
C LEU B 176 -2.27 -14.86 -4.03
N GLN B 177 -2.41 -15.10 -5.33
CA GLN B 177 -3.24 -16.18 -5.78
C GLN B 177 -2.75 -17.50 -5.23
N SER B 178 -3.45 -18.54 -5.65
CA SER B 178 -3.17 -19.92 -5.27
C SER B 178 -1.84 -20.42 -5.87
N SER B 179 -1.60 -20.03 -7.11
CA SER B 179 -0.39 -20.43 -7.84
C SER B 179 0.91 -19.97 -7.16
N GLY B 180 0.77 -19.09 -6.16
CA GLY B 180 1.93 -18.53 -5.48
C GLY B 180 2.31 -17.28 -6.27
N LEU B 181 1.41 -16.92 -7.18
CA LEU B 181 1.56 -15.79 -8.07
C LEU B 181 0.63 -14.67 -7.65
N TYR B 182 1.12 -13.45 -7.82
CA TYR B 182 0.34 -12.28 -7.49
C TYR B 182 -0.48 -11.91 -8.70
N SER B 183 -1.50 -11.11 -8.48
CA SER B 183 -2.37 -10.63 -9.53
C SER B 183 -3.06 -9.39 -8.99
N LEU B 184 -3.26 -8.41 -9.85
CA LEU B 184 -3.91 -7.18 -9.44
C LEU B 184 -4.53 -6.50 -10.63
N SER B 185 -5.51 -5.65 -10.39
CA SER B 185 -6.16 -4.95 -11.47
C SER B 185 -6.04 -3.46 -11.25
N SER B 186 -5.92 -2.73 -12.35
CA SER B 186 -5.86 -1.29 -12.27
C SER B 186 -7.01 -0.80 -13.16
N VAL B 187 -8.10 -0.36 -12.55
CA VAL B 187 -9.25 0.12 -13.28
C VAL B 187 -9.32 1.63 -13.23
N VAL B 188 -10.01 2.21 -14.20
CA VAL B 188 -10.19 3.66 -14.26
C VAL B 188 -11.56 3.86 -14.89
N THR B 189 -12.23 4.94 -14.49
CA THR B 189 -13.56 5.27 -15.02
C THR B 189 -13.44 6.52 -15.89
N VAL B 190 -14.01 6.46 -17.10
CA VAL B 190 -13.96 7.61 -17.99
C VAL B 190 -15.26 7.83 -18.75
N PRO B 191 -15.58 9.12 -19.03
CA PRO B 191 -16.77 9.53 -19.76
C PRO B 191 -16.85 8.78 -21.06
N SER B 192 -17.96 8.10 -21.28
CA SER B 192 -18.17 7.33 -22.50
C SER B 192 -17.83 8.16 -23.75
N SER B 193 -17.97 9.47 -23.64
CA SER B 193 -17.70 10.41 -24.72
C SER B 193 -16.20 10.51 -25.08
N SER B 194 -15.35 10.27 -24.08
CA SER B 194 -13.90 10.35 -24.27
C SER B 194 -13.35 9.28 -25.20
N LEU B 195 -13.99 8.11 -25.21
CA LEU B 195 -13.57 6.97 -26.05
C LEU B 195 -13.25 7.38 -27.49
N GLY B 196 -12.22 6.74 -28.04
CA GLY B 196 -11.79 7.06 -29.40
C GLY B 196 -10.65 8.07 -29.36
N THR B 197 -11.01 9.35 -29.23
CA THR B 197 -10.04 10.45 -29.16
C THR B 197 -9.08 10.21 -28.00
N GLN B 198 -9.65 10.00 -26.82
CA GLN B 198 -8.85 9.75 -25.65
C GLN B 198 -8.29 8.34 -25.76
N THR B 199 -7.05 8.29 -26.19
CA THR B 199 -6.33 7.04 -26.34
C THR B 199 -5.92 6.65 -24.92
N TYR B 200 -6.40 5.51 -24.44
CA TYR B 200 -6.07 5.07 -23.09
C TYR B 200 -5.11 3.88 -23.09
N ILE B 201 -3.95 4.05 -22.46
CA ILE B 201 -2.94 3.00 -22.40
C ILE B 201 -2.35 2.84 -21.00
N CYS B 202 -2.20 1.59 -20.58
CA CYS B 202 -1.63 1.31 -19.27
C CYS B 202 -0.21 0.80 -19.47
N ASN B 203 0.72 1.40 -18.75
CA ASN B 203 2.11 1.02 -18.86
C ASN B 203 2.48 0.25 -17.60
N VAL B 204 2.53 -1.07 -17.71
CA VAL B 204 2.90 -1.93 -16.58
C VAL B 204 4.43 -2.04 -16.54
N ASN B 205 4.97 -2.24 -15.35
CA ASN B 205 6.41 -2.34 -15.19
C ASN B 205 6.74 -3.24 -14.01
N HIS B 206 7.36 -4.36 -14.30
CA HIS B 206 7.77 -5.32 -13.28
C HIS B 206 9.29 -5.38 -13.37
N LYS B 207 9.94 -4.38 -12.80
CA LYS B 207 11.39 -4.29 -12.80
C LYS B 207 12.11 -5.60 -12.47
N PRO B 208 11.62 -6.36 -11.47
CA PRO B 208 12.25 -7.62 -11.08
C PRO B 208 12.40 -8.69 -12.17
N SER B 209 11.81 -8.43 -13.34
CA SER B 209 11.90 -9.37 -14.45
C SER B 209 12.13 -8.60 -15.74
N ASN B 210 12.56 -7.34 -15.60
CA ASN B 210 12.84 -6.45 -16.72
C ASN B 210 11.67 -6.38 -17.70
N THR B 211 10.46 -6.63 -17.19
CA THR B 211 9.24 -6.58 -17.99
C THR B 211 8.71 -5.16 -18.04
N LYS B 212 8.62 -4.60 -19.25
CA LYS B 212 8.12 -3.26 -19.46
C LYS B 212 7.06 -3.46 -20.53
N VAL B 213 5.81 -3.54 -20.09
CA VAL B 213 4.71 -3.76 -20.99
C VAL B 213 3.76 -2.56 -21.07
N ASP B 214 3.27 -2.29 -22.26
CA ASP B 214 2.32 -1.21 -22.49
C ASP B 214 1.11 -1.90 -23.10
N LYS B 215 -0.07 -1.32 -22.88
CA LYS B 215 -1.27 -1.90 -23.43
C LYS B 215 -2.26 -0.78 -23.67
N ARG B 216 -2.78 -0.71 -24.90
CA ARG B 216 -3.77 0.31 -25.19
C ARG B 216 -5.14 -0.31 -24.94
N VAL B 217 -5.90 0.31 -24.05
CA VAL B 217 -7.25 -0.14 -23.74
C VAL B 217 -8.24 0.70 -24.54
N GLU B 218 -9.33 0.08 -24.98
CA GLU B 218 -10.35 0.76 -25.79
C GLU B 218 -11.75 0.09 -25.73
N PRO B 219 -12.79 0.74 -26.34
CA PRO B 219 -14.18 0.28 -26.39
C PRO B 219 -14.41 -1.13 -26.98
#